data_4B5I
#
_entry.id   4B5I
#
_cell.length_a   69.090
_cell.length_b   69.090
_cell.length_c   119.670
_cell.angle_alpha   90.00
_cell.angle_beta   90.00
_cell.angle_gamma   90.00
#
_symmetry.space_group_name_H-M   'P 43 21 2'
#
loop_
_entity.id
_entity.type
_entity.pdbx_description
1 polymer 'PUTATIVE EXODEOXYRIBONUCLEASE'
2 polymer "5'-D(*GP*CP*TP*AP*CP)-3'"
3 polymer "5'-D(*CP*GP*AP*TP*GP*GP*GP*TP*AP*GP*CP)-3'"
4 polymer "5'-D(*3DRP*CP*AP*TP*CP*GP)-3'"
5 non-polymer 'MANGANESE (II) ION'
6 water water
#
loop_
_entity_poly.entity_id
_entity_poly.type
_entity_poly.pdbx_seq_one_letter_code
_entity_poly.pdbx_strand_id
1 'polypeptide(L)'
;MLKIISANVNGIRSAYKKGFYEYIAASGADIVCVQELKAQEADLSADMKNPHGMHGHWHCAEKRGYSGVAVYSKRKPDNV
QIGMGIEEFDREGRFVRCDFGRLSVISLYLPSGSSAEERQQVKYRFLDAFYPMLEAMKNEGRDIVVCGDWNIAHQNIDLK
NWKGNQKNSGFLPEEREWIGKVIHKLGWTDMWRTLYPDVPGYTWWSNRGQAYAKDVGWRIDYQMVTPELAAKAVSAHVYK
DEKFSDHAPLVVEYDYAAE
;
A
2 'polydeoxyribonucleotide' (DG)(DC)(DT)(DA)(DC) U
3 'polydeoxyribonucleotide' (DC)(DG)(DA)(DT)(DG)(DG)(DG)(DT)(DA)(DG)(DC) V
4 'polydeoxyribonucleotide' (3DR)(DC)(DA)(DT)(DC)(DG) X
#
# COMPACT_ATOMS: atom_id res chain seq x y z
N MET A 1 -9.58 14.39 -13.15
CA MET A 1 -9.23 13.95 -11.81
C MET A 1 -8.33 12.73 -11.83
N LEU A 2 -7.27 12.78 -11.02
CA LEU A 2 -6.31 11.69 -10.91
C LEU A 2 -6.70 10.73 -9.79
N LYS A 3 -7.27 9.59 -10.16
CA LYS A 3 -7.70 8.61 -9.17
C LYS A 3 -6.65 7.50 -8.97
N ILE A 4 -6.05 7.47 -7.79
CA ILE A 4 -5.08 6.45 -7.45
C ILE A 4 -5.65 5.46 -6.44
N ILE A 5 -5.51 4.17 -6.71
CA ILE A 5 -6.02 3.13 -5.83
C ILE A 5 -4.89 2.27 -5.27
N SER A 6 -5.01 1.91 -4.00
CA SER A 6 -4.06 1.02 -3.35
C SER A 6 -4.79 -0.19 -2.80
N ALA A 7 -4.40 -1.38 -3.26
CA ALA A 7 -5.09 -2.60 -2.86
C ALA A 7 -4.16 -3.79 -2.61
N ASN A 8 -4.04 -4.19 -1.34
CA ASN A 8 -3.40 -5.45 -1.02
C ASN A 8 -4.36 -6.57 -1.37
N VAL A 9 -4.14 -7.21 -2.51
CA VAL A 9 -5.12 -8.15 -3.06
C VAL A 9 -5.04 -9.55 -2.46
N ASN A 10 -4.06 -9.77 -1.58
CA ASN A 10 -3.89 -11.08 -0.93
C ASN A 10 -3.99 -12.21 -1.94
N GLY A 11 -3.17 -12.17 -2.98
CA GLY A 11 -3.22 -13.14 -4.05
C GLY A 11 -3.99 -12.58 -5.23
N ILE A 12 -3.27 -12.18 -6.27
CA ILE A 12 -3.87 -11.51 -7.41
C ILE A 12 -4.74 -12.46 -8.24
N ARG A 13 -4.44 -13.75 -8.14
CA ARG A 13 -5.22 -14.76 -8.85
C ARG A 13 -6.60 -14.95 -8.22
N SER A 14 -6.63 -15.03 -6.89
CA SER A 14 -7.90 -15.09 -6.16
C SER A 14 -8.69 -13.81 -6.34
N ALA A 15 -8.00 -12.68 -6.31
CA ALA A 15 -8.64 -11.38 -6.50
C ALA A 15 -9.34 -11.33 -7.85
N TYR A 16 -8.63 -11.75 -8.90
CA TYR A 16 -9.21 -11.78 -10.24
C TYR A 16 -10.40 -12.72 -10.31
N LYS A 17 -10.30 -13.86 -9.62
CA LYS A 17 -11.41 -14.80 -9.54
C LYS A 17 -12.61 -14.11 -8.88
N LYS A 18 -12.32 -13.17 -8.00
CA LYS A 18 -13.37 -12.47 -7.26
C LYS A 18 -13.80 -11.17 -7.95
N GLY A 19 -13.32 -10.97 -9.16
CA GLY A 19 -13.76 -9.85 -9.99
C GLY A 19 -13.00 -8.56 -9.79
N PHE A 20 -11.77 -8.67 -9.30
CA PHE A 20 -10.94 -7.48 -9.09
C PHE A 20 -10.55 -6.85 -10.41
N TYR A 21 -10.33 -7.69 -11.42
CA TYR A 21 -9.99 -7.22 -12.76
C TYR A 21 -11.07 -6.29 -13.32
N GLU A 22 -12.32 -6.68 -13.13
CA GLU A 22 -13.45 -5.89 -13.59
C GLU A 22 -13.57 -4.60 -12.78
N TYR A 23 -13.02 -4.62 -11.58
CA TYR A 23 -13.05 -3.45 -10.71
C TYR A 23 -12.01 -2.41 -11.13
N ILE A 24 -10.88 -2.87 -11.65
CA ILE A 24 -9.83 -1.98 -12.13
C ILE A 24 -10.41 -0.95 -13.10
N ALA A 25 -11.19 -1.42 -14.05
CA ALA A 25 -11.81 -0.55 -15.04
C ALA A 25 -13.07 0.11 -14.50
N ALA A 26 -13.85 -0.65 -13.74
CA ALA A 26 -15.09 -0.15 -13.16
C ALA A 26 -14.84 1.10 -12.33
N SER A 27 -13.72 1.12 -11.62
CA SER A 27 -13.39 2.25 -10.75
C SER A 27 -12.94 3.47 -11.55
N GLY A 28 -12.55 3.24 -12.80
CA GLY A 28 -12.06 4.31 -13.65
C GLY A 28 -10.79 4.93 -13.10
N ALA A 29 -10.09 4.16 -12.27
CA ALA A 29 -8.84 4.63 -11.67
C ALA A 29 -7.75 4.83 -12.73
N ASP A 30 -6.90 5.81 -12.50
CA ASP A 30 -5.82 6.11 -13.43
C ASP A 30 -4.57 5.29 -13.10
N ILE A 31 -4.38 5.03 -11.81
CA ILE A 31 -3.25 4.24 -11.35
C ILE A 31 -3.71 3.28 -10.25
N VAL A 32 -3.24 2.04 -10.31
CA VAL A 32 -3.62 1.02 -9.33
C VAL A 32 -2.38 0.34 -8.76
N CYS A 33 -2.18 0.50 -7.45
CA CYS A 33 -1.05 -0.12 -6.77
C CYS A 33 -1.50 -1.32 -5.96
N VAL A 34 -1.04 -2.51 -6.34
CA VAL A 34 -1.42 -3.73 -5.64
C VAL A 34 -0.26 -4.32 -4.85
N GLN A 35 -0.58 -4.92 -3.71
CA GLN A 35 0.41 -5.62 -2.90
C GLN A 35 -0.01 -7.08 -2.69
N GLU A 36 0.97 -7.93 -2.39
CA GLU A 36 0.73 -9.36 -2.24
C GLU A 36 0.19 -10.00 -3.52
N LEU A 37 1.00 -9.98 -4.57
CA LEU A 37 0.65 -10.66 -5.81
C LEU A 37 0.49 -12.15 -5.54
N LYS A 38 1.31 -12.66 -4.63
CA LYS A 38 1.36 -14.09 -4.34
C LYS A 38 1.51 -14.89 -5.63
N ALA A 39 2.46 -14.46 -6.45
CA ALA A 39 2.72 -15.11 -7.74
C ALA A 39 3.98 -14.54 -8.38
N GLN A 40 4.53 -15.28 -9.33
CA GLN A 40 5.71 -14.82 -10.06
C GLN A 40 5.33 -14.44 -11.48
N GLU A 41 6.28 -13.85 -12.21
CA GLU A 41 6.02 -13.36 -13.56
C GLU A 41 5.46 -14.46 -14.47
N ALA A 42 5.84 -15.69 -14.21
CA ALA A 42 5.37 -16.82 -15.00
C ALA A 42 3.95 -17.24 -14.60
N ASP A 43 3.58 -16.93 -13.35
CA ASP A 43 2.25 -17.25 -12.84
C ASP A 43 1.23 -16.22 -13.30
N LEU A 44 1.70 -15.04 -13.68
CA LEU A 44 0.81 -13.94 -14.04
C LEU A 44 0.32 -14.06 -15.48
N SER A 45 -0.98 -13.87 -15.67
CA SER A 45 -1.55 -13.81 -17.02
C SER A 45 -1.40 -12.39 -17.55
N ALA A 46 -1.60 -12.22 -18.85
CA ALA A 46 -1.44 -10.91 -19.48
C ALA A 46 -2.34 -9.87 -18.83
N ASP A 47 -3.53 -10.29 -18.43
CA ASP A 47 -4.48 -9.38 -17.78
C ASP A 47 -4.02 -9.02 -16.37
N MET A 48 -3.06 -9.79 -15.86
CA MET A 48 -2.52 -9.54 -14.52
C MET A 48 -1.27 -8.67 -14.58
N LYS A 49 -0.80 -8.40 -15.80
CA LYS A 49 0.37 -7.55 -15.99
C LYS A 49 -0.05 -6.22 -16.63
N ASN A 50 -0.93 -6.30 -17.63
CA ASN A 50 -1.44 -5.12 -18.30
C ASN A 50 -2.96 -5.15 -18.41
N PRO A 51 -3.65 -4.96 -17.28
CA PRO A 51 -5.11 -5.01 -17.24
C PRO A 51 -5.75 -3.86 -18.01
N HIS A 52 -6.65 -4.19 -18.93
CA HIS A 52 -7.39 -3.19 -19.69
C HIS A 52 -6.48 -2.25 -20.48
N GLY A 53 -5.37 -2.78 -20.95
CA GLY A 53 -4.45 -2.00 -21.77
C GLY A 53 -3.53 -1.11 -20.96
N MET A 54 -3.72 -1.09 -19.64
CA MET A 54 -2.88 -0.30 -18.77
C MET A 54 -1.44 -0.81 -18.80
N HIS A 55 -0.50 0.10 -18.61
CA HIS A 55 0.90 -0.29 -18.44
C HIS A 55 1.08 -0.94 -17.08
N GLY A 56 1.94 -1.94 -17.00
CA GLY A 56 2.15 -2.64 -15.76
C GLY A 56 3.60 -2.93 -15.46
N HIS A 57 4.00 -2.73 -14.21
CA HIS A 57 5.35 -3.03 -13.78
C HIS A 57 5.34 -3.68 -12.41
N TRP A 58 5.95 -4.86 -12.32
CA TRP A 58 5.83 -5.68 -11.11
C TRP A 58 7.18 -6.08 -10.53
N HIS A 59 7.19 -6.34 -9.24
CA HIS A 59 8.38 -6.85 -8.55
C HIS A 59 7.98 -8.07 -7.73
N CYS A 60 8.38 -9.24 -8.21
CA CYS A 60 7.97 -10.50 -7.58
C CYS A 60 9.04 -11.07 -6.64
N ALA A 61 8.59 -11.82 -5.65
CA ALA A 61 9.49 -12.44 -4.70
C ALA A 61 10.19 -13.65 -5.32
N GLU A 62 11.35 -14.00 -4.77
CA GLU A 62 12.07 -15.18 -5.23
C GLU A 62 11.34 -16.44 -4.80
N LYS A 63 10.53 -16.31 -3.75
CA LYS A 63 9.68 -17.41 -3.30
C LYS A 63 8.41 -17.45 -4.15
N ARG A 64 7.84 -18.65 -4.30
CA ARG A 64 6.65 -18.83 -5.10
C ARG A 64 5.39 -18.50 -4.31
N GLY A 65 4.39 -17.94 -4.99
CA GLY A 65 3.14 -17.57 -4.36
C GLY A 65 3.32 -16.79 -3.08
N TYR A 66 4.20 -15.79 -3.11
CA TYR A 66 4.50 -15.01 -1.92
C TYR A 66 4.78 -13.54 -2.23
N SER A 67 4.17 -12.66 -1.44
CA SER A 67 4.42 -11.22 -1.57
C SER A 67 4.21 -10.73 -3.00
N GLY A 68 4.95 -9.69 -3.37
CA GLY A 68 4.87 -9.14 -4.71
C GLY A 68 4.02 -7.89 -4.80
N VAL A 69 4.60 -6.84 -5.38
CA VAL A 69 3.86 -5.60 -5.61
C VAL A 69 3.81 -5.28 -7.10
N ALA A 70 2.91 -4.38 -7.49
CA ALA A 70 2.77 -4.02 -8.89
C ALA A 70 2.08 -2.67 -9.05
N VAL A 71 2.33 -2.03 -10.20
CA VAL A 71 1.75 -0.74 -10.51
C VAL A 71 1.18 -0.73 -11.91
N TYR A 72 -0.11 -0.40 -12.03
CA TYR A 72 -0.75 -0.22 -13.33
C TYR A 72 -1.04 1.26 -13.53
N SER A 73 -1.04 1.69 -14.79
CA SER A 73 -1.26 3.10 -15.11
C SER A 73 -1.64 3.26 -16.58
N LYS A 74 -2.78 3.88 -16.83
CA LYS A 74 -3.23 4.14 -18.19
C LYS A 74 -2.13 4.82 -19.00
N ARG A 75 -1.35 5.67 -18.34
CA ARG A 75 -0.26 6.38 -19.01
C ARG A 75 1.06 5.62 -18.92
N LYS A 76 1.84 5.70 -19.99
CA LYS A 76 3.15 5.07 -20.02
C LYS A 76 4.14 5.83 -19.13
N PRO A 77 4.64 5.16 -18.08
CA PRO A 77 5.65 5.78 -17.22
C PRO A 77 6.96 5.96 -17.97
N ASP A 78 7.59 7.11 -17.83
CA ASP A 78 8.87 7.36 -18.50
C ASP A 78 10.04 6.70 -17.76
N ASN A 79 9.79 6.19 -16.56
CA ASN A 79 10.82 5.46 -15.83
C ASN A 79 10.23 4.50 -14.79
N VAL A 80 10.94 3.42 -14.50
CA VAL A 80 10.48 2.42 -13.55
C VAL A 80 11.63 1.84 -12.74
N GLN A 81 11.55 1.99 -11.42
CA GLN A 81 12.54 1.41 -10.52
C GLN A 81 11.97 0.18 -9.82
N ILE A 82 12.52 -0.99 -10.15
CA ILE A 82 12.11 -2.23 -9.49
C ILE A 82 12.99 -2.49 -8.27
N GLY A 83 12.36 -2.66 -7.12
CA GLY A 83 13.08 -2.91 -5.88
C GLY A 83 13.64 -1.65 -5.25
N MET A 84 13.97 -1.74 -3.97
CA MET A 84 14.52 -0.61 -3.23
C MET A 84 15.99 -0.42 -3.55
N GLY A 85 16.69 -1.53 -3.77
CA GLY A 85 18.12 -1.52 -3.99
C GLY A 85 18.80 -2.36 -2.93
N ILE A 86 18.01 -2.95 -2.04
CA ILE A 86 18.51 -3.81 -0.98
C ILE A 86 18.10 -5.25 -1.24
N GLU A 87 19.06 -6.07 -1.64
CA GLU A 87 18.80 -7.46 -2.03
C GLU A 87 18.03 -8.23 -0.96
N GLU A 88 18.27 -7.89 0.30
CA GLU A 88 17.61 -8.58 1.41
C GLU A 88 16.09 -8.48 1.32
N PHE A 89 15.61 -7.30 0.94
CA PHE A 89 14.17 -7.06 0.86
C PHE A 89 13.67 -7.16 -0.58
N ASP A 90 14.57 -6.97 -1.54
CA ASP A 90 14.24 -7.13 -2.95
C ASP A 90 13.98 -8.59 -3.27
N ARG A 91 14.48 -9.47 -2.41
CA ARG A 91 14.27 -10.90 -2.56
C ARG A 91 12.79 -11.25 -2.43
N GLU A 92 12.01 -10.33 -1.87
CA GLU A 92 10.61 -10.62 -1.58
C GLU A 92 9.65 -9.77 -2.39
N GLY A 93 10.19 -8.91 -3.26
CA GLY A 93 9.38 -8.07 -4.12
C GLY A 93 8.36 -7.25 -3.35
N ARG A 94 8.81 -6.12 -2.80
CA ARG A 94 7.97 -5.30 -1.95
C ARG A 94 7.95 -3.83 -2.38
N PHE A 95 8.68 -3.51 -3.44
CA PHE A 95 8.83 -2.13 -3.86
C PHE A 95 8.81 -1.96 -5.38
N VAL A 96 7.91 -1.11 -5.86
CA VAL A 96 7.93 -0.72 -7.27
C VAL A 96 7.68 0.78 -7.39
N ARG A 97 8.37 1.42 -8.33
CA ARG A 97 8.19 2.85 -8.54
C ARG A 97 8.02 3.18 -10.02
N CYS A 98 7.14 4.13 -10.32
CA CYS A 98 6.87 4.56 -11.69
C CYS A 98 6.77 6.07 -11.77
N ASP A 99 7.52 6.67 -12.69
CA ASP A 99 7.52 8.11 -12.86
C ASP A 99 6.61 8.55 -14.01
N PHE A 100 5.79 9.55 -13.74
CA PHE A 100 4.90 10.14 -14.74
C PHE A 100 5.01 11.65 -14.63
N GLY A 101 5.94 12.24 -15.38
CA GLY A 101 6.22 13.66 -15.23
C GLY A 101 6.92 13.90 -13.92
N ARG A 102 6.46 14.90 -13.16
CA ARG A 102 7.01 15.14 -11.83
C ARG A 102 6.29 14.27 -10.81
N LEU A 103 5.41 13.41 -11.29
CA LEU A 103 4.67 12.49 -10.43
C LEU A 103 5.33 11.11 -10.37
N SER A 104 5.61 10.64 -9.16
CA SER A 104 6.11 9.29 -8.95
C SER A 104 5.15 8.56 -8.02
N VAL A 105 4.86 7.31 -8.33
CA VAL A 105 4.00 6.50 -7.47
C VAL A 105 4.67 5.17 -7.15
N ILE A 106 4.56 4.76 -5.89
CA ILE A 106 5.20 3.55 -5.41
C ILE A 106 4.17 2.57 -4.87
N SER A 107 4.28 1.32 -5.28
CA SER A 107 3.54 0.23 -4.65
C SER A 107 4.47 -0.41 -3.62
N LEU A 108 4.06 -0.35 -2.36
CA LEU A 108 4.90 -0.80 -1.25
C LEU A 108 4.20 -1.85 -0.40
N TYR A 109 4.89 -2.96 -0.15
CA TYR A 109 4.39 -3.98 0.77
C TYR A 109 5.36 -4.17 1.92
N LEU A 110 5.07 -3.53 3.04
CA LEU A 110 5.94 -3.59 4.21
C LEU A 110 5.75 -4.91 4.94
N PRO A 111 6.86 -5.55 5.34
CA PRO A 111 6.84 -6.85 6.02
C PRO A 111 5.93 -6.90 7.25
N SER A 112 5.25 -8.02 7.43
CA SER A 112 4.40 -8.24 8.60
C SER A 112 5.12 -9.13 9.60
N GLY A 113 5.36 -8.61 10.80
CA GLY A 113 6.06 -9.35 11.83
C GLY A 113 5.14 -10.09 12.77
N SER A 114 3.94 -10.43 12.29
CA SER A 114 2.95 -11.12 13.11
C SER A 114 3.17 -12.62 13.12
N SER A 115 3.60 -13.16 11.99
CA SER A 115 3.81 -14.60 11.86
C SER A 115 4.85 -15.12 12.86
N ALA A 116 5.96 -14.41 12.99
CA ALA A 116 7.03 -14.81 13.88
C ALA A 116 7.87 -13.61 14.34
N GLU A 117 8.56 -13.77 15.46
CA GLU A 117 9.39 -12.70 16.01
C GLU A 117 10.57 -12.37 15.09
N GLU A 118 11.08 -13.38 14.41
CA GLU A 118 12.16 -13.16 13.45
C GLU A 118 11.68 -12.27 12.30
N ARG A 119 10.44 -12.50 11.86
CA ARG A 119 9.83 -11.68 10.83
C ARG A 119 9.61 -10.27 11.33
N GLN A 120 9.45 -10.14 12.65
CA GLN A 120 9.31 -8.84 13.27
C GLN A 120 10.63 -8.08 13.22
N GLN A 121 11.73 -8.81 13.37
CA GLN A 121 13.06 -8.23 13.27
C GLN A 121 13.33 -7.75 11.85
N VAL A 122 13.00 -8.60 10.89
CA VAL A 122 13.14 -8.25 9.47
C VAL A 122 12.33 -6.99 9.18
N LYS A 123 11.16 -6.89 9.80
CA LYS A 123 10.30 -5.73 9.62
C LYS A 123 10.96 -4.46 10.15
N TYR A 124 11.56 -4.56 11.32
CA TYR A 124 12.25 -3.42 11.93
C TYR A 124 13.44 -2.94 11.09
N ARG A 125 14.16 -3.89 10.53
CA ARG A 125 15.29 -3.55 9.65
C ARG A 125 14.76 -2.85 8.40
N PHE A 126 13.63 -3.33 7.90
CA PHE A 126 13.00 -2.73 6.73
C PHE A 126 12.64 -1.28 7.02
N LEU A 127 12.26 -1.01 8.27
CA LEU A 127 11.91 0.34 8.68
C LEU A 127 13.16 1.23 8.72
N ASP A 128 14.22 0.72 9.34
CA ASP A 128 15.45 1.48 9.48
C ASP A 128 16.08 1.85 8.14
N ALA A 129 16.01 0.92 7.19
CA ALA A 129 16.65 1.11 5.89
C ALA A 129 15.75 1.85 4.91
N PHE A 130 14.45 1.80 5.17
CA PHE A 130 13.48 2.43 4.27
C PHE A 130 13.26 3.90 4.60
N TYR A 131 13.35 4.23 5.88
CA TYR A 131 13.20 5.60 6.34
C TYR A 131 14.09 6.57 5.56
N PRO A 132 15.38 6.22 5.39
CA PRO A 132 16.28 7.07 4.59
C PRO A 132 15.78 7.24 3.16
N MET A 133 15.14 6.21 2.61
CA MET A 133 14.62 6.27 1.26
C MET A 133 13.45 7.25 1.16
N LEU A 134 12.58 7.23 2.16
CA LEU A 134 11.45 8.15 2.23
C LEU A 134 11.96 9.58 2.35
N GLU A 135 13.07 9.74 3.06
CA GLU A 135 13.68 11.05 3.25
C GLU A 135 14.22 11.61 1.94
N ALA A 136 14.94 10.77 1.21
CA ALA A 136 15.51 11.17 -0.08
C ALA A 136 14.40 11.52 -1.08
N MET A 137 13.36 10.70 -1.12
CA MET A 137 12.22 10.94 -2.00
C MET A 137 11.51 12.24 -1.66
N LYS A 138 11.44 12.54 -0.37
CA LYS A 138 10.85 13.79 0.11
C LYS A 138 11.71 14.96 -0.36
N ASN A 139 13.01 14.74 -0.45
CA ASN A 139 13.96 15.79 -0.85
C ASN A 139 14.12 15.93 -2.36
N GLU A 140 13.53 15.02 -3.12
CA GLU A 140 13.61 15.08 -4.57
C GLU A 140 12.88 16.31 -5.13
N GLY A 141 11.89 16.78 -4.39
CA GLY A 141 11.13 17.95 -4.80
C GLY A 141 10.03 17.61 -5.78
N ARG A 142 9.77 16.31 -5.94
CA ARG A 142 8.73 15.85 -6.86
C ARG A 142 7.44 15.55 -6.10
N ASP A 143 6.36 15.36 -6.85
CA ASP A 143 5.09 14.95 -6.26
C ASP A 143 5.06 13.44 -6.16
N ILE A 144 5.23 12.92 -4.94
CA ILE A 144 5.33 11.48 -4.74
C ILE A 144 4.21 10.92 -3.86
N VAL A 145 3.62 9.82 -4.33
CA VAL A 145 2.61 9.11 -3.57
C VAL A 145 3.08 7.68 -3.30
N VAL A 146 3.16 7.30 -2.03
CA VAL A 146 3.53 5.95 -1.66
C VAL A 146 2.29 5.19 -1.18
N CYS A 147 1.68 4.46 -2.10
CA CYS A 147 0.53 3.62 -1.78
C CYS A 147 1.03 2.28 -1.29
N GLY A 148 0.22 1.60 -0.48
CA GLY A 148 0.53 0.23 -0.14
C GLY A 148 0.17 -0.18 1.28
N ASP A 149 0.55 -1.40 1.62
CA ASP A 149 0.33 -1.95 2.95
C ASP A 149 1.55 -1.65 3.82
N TRP A 150 1.39 -0.72 4.76
CA TRP A 150 2.49 -0.35 5.64
C TRP A 150 2.54 -1.24 6.88
N ASN A 151 1.47 -2.00 7.10
CA ASN A 151 1.41 -2.93 8.23
C ASN A 151 1.63 -2.27 9.59
N ILE A 152 1.31 -0.98 9.67
CA ILE A 152 1.37 -0.27 10.94
C ILE A 152 0.19 0.68 11.08
N ALA A 153 -0.54 0.53 12.19
CA ALA A 153 -1.60 1.47 12.54
C ALA A 153 -0.98 2.57 13.40
N HIS A 154 -1.16 3.82 12.99
CA HIS A 154 -0.51 4.93 13.69
C HIS A 154 -1.08 5.20 15.08
N GLN A 155 -2.36 5.54 15.14
CA GLN A 155 -2.99 5.91 16.41
C GLN A 155 -4.21 5.06 16.75
N ASN A 156 -4.80 5.30 17.91
CA ASN A 156 -5.95 4.54 18.38
C ASN A 156 -7.09 4.52 17.37
N ILE A 157 -7.33 5.65 16.73
CA ILE A 157 -8.43 5.80 15.79
C ILE A 157 -8.22 4.94 14.54
N ASP A 158 -7.05 4.33 14.44
CA ASP A 158 -6.70 3.55 13.26
C ASP A 158 -6.99 2.06 13.42
N LEU A 159 -7.69 1.70 14.50
CA LEU A 159 -8.11 0.33 14.71
C LEU A 159 -9.13 0.22 15.84
N LYS A 160 -9.96 -0.82 15.79
CA LYS A 160 -11.03 -1.00 16.76
C LYS A 160 -10.48 -1.20 18.17
N ASN A 161 -9.79 -2.32 18.38
CA ASN A 161 -9.24 -2.65 19.68
C ASN A 161 -7.79 -2.21 19.81
N TRP A 162 -7.57 -0.92 20.06
CA TRP A 162 -6.21 -0.40 20.17
C TRP A 162 -5.57 -0.76 21.51
N LYS A 163 -6.39 -1.01 22.51
CA LYS A 163 -5.91 -1.32 23.84
C LYS A 163 -5.23 -2.69 23.89
N GLY A 164 -5.92 -3.70 23.38
CA GLY A 164 -5.43 -5.07 23.43
C GLY A 164 -4.41 -5.42 22.36
N ASN A 165 -4.16 -4.48 21.45
CA ASN A 165 -3.22 -4.72 20.35
C ASN A 165 -1.91 -3.94 20.46
N GLN A 166 -1.63 -3.43 21.65
CA GLN A 166 -0.41 -2.64 21.86
C GLN A 166 0.84 -3.50 21.97
N LYS A 167 0.65 -4.80 22.07
CA LYS A 167 1.78 -5.74 22.15
C LYS A 167 1.88 -6.62 20.91
N ASN A 168 0.97 -6.40 19.95
CA ASN A 168 0.96 -7.17 18.72
C ASN A 168 1.63 -6.42 17.58
N SER A 169 2.22 -7.17 16.65
CA SER A 169 2.84 -6.57 15.48
C SER A 169 1.81 -5.77 14.69
N GLY A 170 2.19 -4.58 14.25
CA GLY A 170 1.29 -3.71 13.53
C GLY A 170 0.87 -2.50 14.34
N PHE A 171 0.95 -2.61 15.65
CA PHE A 171 0.57 -1.51 16.55
C PHE A 171 1.52 -1.42 17.74
N LEU A 172 2.77 -1.78 17.52
CA LEU A 172 3.80 -1.68 18.56
C LEU A 172 4.23 -0.22 18.73
N PRO A 173 4.55 0.18 19.96
CA PRO A 173 4.97 1.55 20.27
C PRO A 173 6.08 2.04 19.36
N GLU A 174 7.05 1.17 19.08
CA GLU A 174 8.16 1.53 18.21
C GLU A 174 7.69 1.77 16.78
N GLU A 175 6.75 0.94 16.33
CA GLU A 175 6.17 1.08 15.00
C GLU A 175 5.36 2.36 14.86
N ARG A 176 4.45 2.59 15.81
CA ARG A 176 3.63 3.79 15.82
C ARG A 176 4.52 5.03 15.81
N GLU A 177 5.64 4.95 16.52
CA GLU A 177 6.58 6.06 16.59
C GLU A 177 7.27 6.26 15.25
N TRP A 178 7.50 5.17 14.53
CA TRP A 178 8.14 5.23 13.23
C TRP A 178 7.24 5.94 12.21
N ILE A 179 6.00 5.48 12.09
CA ILE A 179 5.03 6.14 11.23
C ILE A 179 4.91 7.61 11.60
N GLY A 180 4.87 7.87 12.90
CA GLY A 180 4.77 9.23 13.40
C GLY A 180 5.90 10.13 12.95
N LYS A 181 7.11 9.57 12.88
CA LYS A 181 8.27 10.34 12.44
C LYS A 181 8.25 10.55 10.94
N VAL A 182 7.72 9.58 10.21
CA VAL A 182 7.55 9.71 8.77
C VAL A 182 6.62 10.86 8.45
N ILE A 183 5.59 11.02 9.28
CA ILE A 183 4.56 12.04 9.04
C ILE A 183 5.00 13.43 9.48
N HIS A 184 5.48 13.55 10.71
CA HIS A 184 5.76 14.85 11.31
C HIS A 184 7.21 15.30 11.15
N LYS A 185 8.14 14.35 11.18
CA LYS A 185 9.56 14.68 11.00
C LYS A 185 9.94 14.79 9.53
N LEU A 186 9.61 13.77 8.75
CA LEU A 186 9.95 13.76 7.33
C LEU A 186 9.09 14.75 6.54
N GLY A 187 7.81 14.84 6.89
CA GLY A 187 6.94 15.79 6.25
C GLY A 187 5.92 15.15 5.32
N TRP A 188 5.84 13.82 5.36
CA TRP A 188 4.88 13.10 4.55
C TRP A 188 3.47 13.27 5.11
N THR A 189 2.49 13.14 4.24
CA THR A 189 1.09 13.37 4.61
C THR A 189 0.27 12.09 4.54
N ASP A 190 -0.26 11.66 5.67
CA ASP A 190 -1.21 10.55 5.70
C ASP A 190 -2.50 11.03 5.07
N MET A 191 -2.62 10.83 3.77
CA MET A 191 -3.72 11.42 3.00
C MET A 191 -5.08 11.19 3.64
N TRP A 192 -5.37 9.95 4.02
CA TRP A 192 -6.67 9.64 4.59
C TRP A 192 -6.94 10.42 5.85
N ARG A 193 -6.01 10.34 6.81
CA ARG A 193 -6.17 11.01 8.09
C ARG A 193 -6.35 12.51 7.92
N THR A 194 -5.62 13.08 6.96
CA THR A 194 -5.70 14.52 6.69
C THR A 194 -7.06 14.91 6.13
N LEU A 195 -7.57 14.12 5.18
CA LEU A 195 -8.87 14.37 4.58
C LEU A 195 -10.00 14.15 5.57
N TYR A 196 -9.89 13.08 6.35
CA TYR A 196 -10.94 12.69 7.28
C TYR A 196 -10.36 12.45 8.66
N PRO A 197 -10.15 13.55 9.41
CA PRO A 197 -9.53 13.55 10.74
C PRO A 197 -10.21 12.63 11.75
N ASP A 198 -11.51 12.42 11.60
CA ASP A 198 -12.30 11.68 12.59
C ASP A 198 -12.78 10.33 12.07
N VAL A 199 -12.56 10.07 10.78
CA VAL A 199 -13.01 8.81 10.18
C VAL A 199 -11.92 7.75 10.24
N PRO A 200 -12.15 6.70 11.06
CA PRO A 200 -11.19 5.62 11.28
C PRO A 200 -10.66 5.05 9.96
N GLY A 201 -11.56 4.64 9.08
CA GLY A 201 -11.19 4.15 7.76
C GLY A 201 -10.36 2.88 7.79
N TYR A 202 -10.91 1.81 8.34
CA TYR A 202 -10.23 0.53 8.38
C TYR A 202 -10.02 -0.01 6.97
N THR A 203 -8.87 -0.63 6.73
CA THR A 203 -8.55 -1.19 5.41
C THR A 203 -8.28 -2.68 5.48
N TRP A 204 -8.25 -3.24 6.70
CA TRP A 204 -8.00 -4.67 6.88
C TRP A 204 -8.78 -5.24 8.06
N TRP A 205 -9.27 -6.47 7.89
CA TRP A 205 -10.00 -7.15 8.95
C TRP A 205 -9.52 -8.59 9.10
N SER A 206 -9.24 -8.99 10.33
CA SER A 206 -8.75 -10.33 10.62
C SER A 206 -9.77 -11.39 10.22
N ASN A 207 -9.27 -12.58 9.90
CA ASN A 207 -10.12 -13.71 9.54
C ASN A 207 -10.73 -14.35 10.77
N ARG A 208 -10.16 -14.01 11.93
CA ARG A 208 -10.60 -14.60 13.20
C ARG A 208 -11.91 -14.00 13.67
N GLY A 209 -12.69 -14.79 14.41
CA GLY A 209 -13.97 -14.35 14.91
C GLY A 209 -14.85 -13.75 13.81
N GLN A 210 -15.59 -12.71 14.16
CA GLN A 210 -16.42 -12.01 13.19
C GLN A 210 -15.87 -10.60 12.95
N ALA A 211 -14.57 -10.51 12.74
CA ALA A 211 -13.90 -9.22 12.59
C ALA A 211 -14.53 -8.36 11.49
N TYR A 212 -14.56 -8.89 10.27
CA TYR A 212 -15.09 -8.14 9.13
C TYR A 212 -16.56 -7.78 9.34
N ALA A 213 -17.30 -8.73 9.90
CA ALA A 213 -18.73 -8.56 10.15
C ALA A 213 -18.98 -7.48 11.20
N LYS A 214 -18.19 -7.51 12.27
CA LYS A 214 -18.33 -6.56 13.35
C LYS A 214 -17.53 -5.29 13.06
N ASP A 215 -16.85 -5.28 11.92
CA ASP A 215 -16.04 -4.14 11.52
C ASP A 215 -14.92 -3.88 12.52
N VAL A 216 -14.35 -4.95 13.04
CA VAL A 216 -13.20 -4.86 13.94
C VAL A 216 -11.92 -4.99 13.13
N GLY A 217 -11.45 -3.87 12.58
CA GLY A 217 -10.31 -3.91 11.70
C GLY A 217 -9.26 -2.83 11.96
N TRP A 218 -8.25 -2.79 11.10
CA TRP A 218 -7.17 -1.82 11.24
C TRP A 218 -7.09 -0.96 9.98
N ARG A 219 -6.45 0.20 10.12
CA ARG A 219 -6.09 1.00 8.96
C ARG A 219 -4.57 0.91 8.77
N ILE A 220 -4.14 -0.10 8.01
CA ILE A 220 -2.72 -0.34 7.81
C ILE A 220 -2.31 -0.06 6.36
N ASP A 221 -3.29 0.26 5.52
CA ASP A 221 -3.03 0.64 4.14
C ASP A 221 -3.03 2.16 4.01
N TYR A 222 -1.93 2.70 3.48
CA TYR A 222 -1.76 4.15 3.39
C TYR A 222 -1.48 4.64 1.97
N GLN A 223 -1.74 5.91 1.76
CA GLN A 223 -1.22 6.64 0.61
C GLN A 223 -0.48 7.88 1.13
N MET A 224 0.82 7.73 1.36
CA MET A 224 1.64 8.82 1.88
C MET A 224 2.02 9.80 0.78
N VAL A 225 1.39 10.97 0.79
CA VAL A 225 1.60 11.94 -0.28
C VAL A 225 2.49 13.10 0.17
N THR A 226 3.27 13.64 -0.77
CA THR A 226 4.08 14.82 -0.50
C THR A 226 3.20 16.06 -0.36
N PRO A 227 3.63 17.03 0.46
CA PRO A 227 2.88 18.24 0.78
C PRO A 227 2.15 18.85 -0.41
N GLU A 228 2.89 19.29 -1.42
CA GLU A 228 2.31 19.96 -2.58
C GLU A 228 1.13 19.18 -3.17
N LEU A 229 1.36 17.90 -3.49
CA LEU A 229 0.31 17.07 -4.05
C LEU A 229 -0.76 16.71 -3.02
N ALA A 230 -0.35 16.61 -1.77
CA ALA A 230 -1.27 16.28 -0.69
C ALA A 230 -2.37 17.32 -0.56
N ALA A 231 -2.04 18.57 -0.87
CA ALA A 231 -3.02 19.65 -0.80
C ALA A 231 -4.05 19.57 -1.92
N LYS A 232 -3.75 18.77 -2.94
CA LYS A 232 -4.63 18.63 -4.09
C LYS A 232 -5.67 17.53 -3.91
N ALA A 233 -5.61 16.84 -2.78
CA ALA A 233 -6.56 15.77 -2.50
C ALA A 233 -7.97 16.33 -2.27
N VAL A 234 -8.94 15.77 -2.99
CA VAL A 234 -10.31 16.25 -2.90
C VAL A 234 -11.21 15.32 -2.08
N SER A 235 -11.00 14.02 -2.23
CA SER A 235 -11.79 13.03 -1.52
C SER A 235 -11.13 11.66 -1.52
N ALA A 236 -11.72 10.72 -0.78
CA ALA A 236 -11.20 9.36 -0.69
C ALA A 236 -12.26 8.46 -0.07
N HIS A 237 -12.07 7.15 -0.23
CA HIS A 237 -13.00 6.18 0.35
C HIS A 237 -12.43 4.76 0.31
N VAL A 238 -12.97 3.91 1.18
CA VAL A 238 -12.58 2.51 1.23
C VAL A 238 -13.65 1.66 0.58
N TYR A 239 -13.40 1.25 -0.67
CA TYR A 239 -14.37 0.46 -1.41
C TYR A 239 -14.67 -0.86 -0.71
N LYS A 240 -15.90 -1.01 -0.24
CA LYS A 240 -16.32 -2.22 0.47
C LYS A 240 -17.52 -2.89 -0.19
N ASP A 241 -17.98 -2.33 -1.31
CA ASP A 241 -19.11 -2.89 -2.03
C ASP A 241 -18.85 -4.33 -2.45
N GLU A 242 -17.57 -4.65 -2.67
CA GLU A 242 -17.16 -6.01 -2.99
C GLU A 242 -15.86 -6.35 -2.25
N LYS A 243 -15.68 -7.62 -1.92
CA LYS A 243 -14.50 -8.06 -1.19
C LYS A 243 -13.65 -9.01 -2.03
N PHE A 244 -12.45 -8.55 -2.40
CA PHE A 244 -11.54 -9.34 -3.22
C PHE A 244 -10.39 -9.87 -2.38
N SER A 245 -10.29 -9.38 -1.15
CA SER A 245 -9.16 -9.70 -0.29
C SER A 245 -9.53 -9.44 1.17
N ASP A 246 -8.61 -9.79 2.06
CA ASP A 246 -8.77 -9.46 3.48
C ASP A 246 -8.54 -7.96 3.68
N HIS A 247 -7.90 -7.33 2.70
CA HIS A 247 -7.74 -5.87 2.68
C HIS A 247 -8.83 -5.25 1.82
N ALA A 248 -8.92 -3.92 1.86
CA ALA A 248 -9.87 -3.19 1.04
C ALA A 248 -9.17 -2.09 0.26
N PRO A 249 -9.58 -1.87 -0.99
CA PRO A 249 -8.98 -0.84 -1.84
C PRO A 249 -9.10 0.54 -1.24
N LEU A 250 -8.00 1.29 -1.26
CA LEU A 250 -7.99 2.66 -0.78
C LEU A 250 -7.96 3.60 -1.97
N VAL A 251 -9.07 4.32 -2.18
CA VAL A 251 -9.18 5.20 -3.34
C VAL A 251 -9.02 6.65 -2.94
N VAL A 252 -8.11 7.36 -3.61
CA VAL A 252 -7.91 8.78 -3.37
C VAL A 252 -7.95 9.56 -4.68
N GLU A 253 -8.66 10.67 -4.69
CA GLU A 253 -8.78 11.50 -5.88
C GLU A 253 -8.04 12.82 -5.70
N TYR A 254 -7.16 13.13 -6.65
CA TYR A 254 -6.36 14.34 -6.59
C TYR A 254 -6.68 15.27 -7.75
N ASP A 255 -6.87 16.56 -7.44
CA ASP A 255 -7.03 17.56 -8.48
C ASP A 255 -5.65 17.91 -9.01
N TYR A 256 -5.11 17.03 -9.85
CA TYR A 256 -3.74 17.14 -10.32
C TYR A 256 -3.60 16.59 -11.73
#